data_1QWB
#
_entry.id   1QWB
#
_entity_poly.entity_id   1
_entity_poly.type   'polyribonucleotide'
_entity_poly.pdbx_seq_one_letter_code
;GGACACGAAAUCCCGAAGUAGUGUCC
;
_entity_poly.pdbx_strand_id   A
#